data_1S2E
#
_entry.id   1S2E
#
_cell.length_a   94.330
_cell.length_b   94.330
_cell.length_c   440.940
_cell.angle_alpha   90.00
_cell.angle_beta   90.00
_cell.angle_gamma   120.00
#
_symmetry.space_group_name_H-M   'H 3 2'
#
loop_
_entity.id
_entity.type
_entity.pdbx_description
1 polymer 'Baseplate structural protein Gp9'
2 non-polymer '4-(2-HYDROXYETHYL)-1-PIPERAZINE ETHANESULFONIC ACID'
3 water water
#
_entity_poly.entity_id   1
_entity_poly.type   'polypeptide(L)'
_entity_poly.pdbx_seq_one_letter_code
;MFIQEPKKLIDTGEIGNASTGDILFDGGNKINSDFNAIYNAFGDQRKMAVANGTGADGQIIHATGYYQKHSITEYATPVK
VGTRHDIDTSTVGVKVIIERGELGDCVEFINSNGSISVTNPLTIQAIDSIKGVSGNLVVTSPYSKVTLRCISSDNSTSVW
NYSIESMFGQKESPAEGTWNISTSGSVDIPLFHRTEYNMAKLLVTCQSVDGRKIKTAEINILVDTVNSEVISSEYAVMRV
GNETEEDEIANIAFSIKENYVTATISSSTVGMRAAVKVIATQKIGVAQ
;
_entity_poly.pdbx_strand_id   A,B
#
loop_
_chem_comp.id
_chem_comp.type
_chem_comp.name
_chem_comp.formula
EPE non-polymer '4-(2-HYDROXYETHYL)-1-PIPERAZINE ETHANESULFONIC ACID' 'C8 H18 N2 O4 S'
#
# COMPACT_ATOMS: atom_id res chain seq x y z
N MET A 1 -4.30 26.03 -26.54
CA MET A 1 -5.31 24.94 -26.65
C MET A 1 -4.81 23.73 -25.87
N PHE A 2 -5.69 22.74 -25.73
CA PHE A 2 -5.35 21.51 -25.03
C PHE A 2 -5.17 20.40 -26.07
N ILE A 3 -3.95 19.89 -26.19
CA ILE A 3 -3.71 18.81 -27.14
C ILE A 3 -3.60 17.53 -26.34
N GLN A 4 -4.66 16.73 -26.37
CA GLN A 4 -4.72 15.48 -25.63
C GLN A 4 -3.62 14.53 -26.04
N GLU A 5 -3.38 13.55 -25.17
CA GLU A 5 -2.40 12.50 -25.42
C GLU A 5 -3.26 11.28 -25.66
N PRO A 6 -2.82 10.38 -26.55
CA PRO A 6 -3.57 9.16 -26.85
C PRO A 6 -3.97 8.39 -25.59
N LYS A 7 -4.89 7.45 -25.76
CA LYS A 7 -5.39 6.62 -24.67
C LYS A 7 -4.32 5.88 -23.88
N LYS A 8 -4.45 5.90 -22.56
CA LYS A 8 -3.52 5.20 -21.68
C LYS A 8 -4.35 4.22 -20.86
N LEU A 9 -3.84 3.00 -20.69
CA LEU A 9 -4.55 1.99 -19.92
C LEU A 9 -3.71 1.53 -18.72
N ILE A 10 -4.38 1.10 -17.66
CA ILE A 10 -3.70 0.65 -16.45
C ILE A 10 -3.08 -0.73 -16.65
N ASP A 11 -1.77 -0.84 -16.46
CA ASP A 11 -1.07 -2.10 -16.64
C ASP A 11 -1.28 -3.05 -15.46
N THR A 12 -2.44 -3.70 -15.42
CA THR A 12 -2.72 -4.64 -14.32
C THR A 12 -1.71 -5.77 -14.40
N GLY A 13 -0.96 -5.84 -15.49
CA GLY A 13 0.03 -6.88 -15.66
C GLY A 13 1.11 -6.82 -14.59
N GLU A 14 1.03 -5.78 -13.76
CA GLU A 14 1.99 -5.58 -12.68
C GLU A 14 1.26 -5.73 -11.35
N ILE A 15 1.44 -4.74 -10.47
CA ILE A 15 0.79 -4.75 -9.17
C ILE A 15 1.49 -5.67 -8.17
N GLY A 16 1.37 -6.97 -8.25
CA GLY A 16 1.96 -7.80 -7.18
C GLY A 16 3.44 -7.97 -7.48
N ASN A 17 3.85 -7.02 -8.38
CA ASN A 17 5.23 -6.85 -8.83
C ASN A 17 5.77 -5.38 -8.64
N ALA A 18 4.98 -4.33 -8.22
CA ALA A 18 5.44 -2.92 -8.00
C ALA A 18 4.54 -2.23 -6.95
N SER A 19 5.12 -1.97 -5.79
CA SER A 19 4.35 -1.41 -4.67
C SER A 19 3.69 -0.02 -4.77
N THR A 20 2.59 -0.20 -4.38
CA THR A 20 1.40 0.62 -4.19
C THR A 20 1.69 2.10 -4.45
N GLY A 21 2.92 2.51 -4.17
CA GLY A 21 3.29 3.89 -4.39
C GLY A 21 3.42 4.21 -5.87
N ASP A 22 4.18 3.38 -6.59
CA ASP A 22 4.40 3.58 -8.01
C ASP A 22 3.18 3.31 -8.90
N ILE A 23 2.39 2.28 -8.57
CA ILE A 23 1.22 1.94 -9.38
C ILE A 23 0.09 2.95 -9.24
N LEU A 24 0.05 3.67 -8.13
CA LEU A 24 -1.00 4.66 -7.92
C LEU A 24 -0.63 5.98 -8.60
N PHE A 25 0.65 6.25 -8.70
CA PHE A 25 1.11 7.47 -9.33
C PHE A 25 1.15 7.31 -10.84
N ASP A 26 1.53 6.12 -11.29
CA ASP A 26 1.60 5.82 -12.71
C ASP A 26 0.18 5.51 -13.20
N GLY A 27 -0.69 5.13 -12.27
CA GLY A 27 -2.06 4.82 -12.62
C GLY A 27 -2.89 6.09 -12.57
N GLY A 28 -2.77 6.83 -11.48
CA GLY A 28 -3.51 8.07 -11.34
C GLY A 28 -3.29 8.98 -12.53
N ASN A 29 -2.04 9.39 -12.75
CA ASN A 29 -1.74 10.26 -13.88
C ASN A 29 -2.37 9.73 -15.16
N LYS A 30 -2.43 8.40 -15.30
CA LYS A 30 -3.03 7.81 -16.48
C LYS A 30 -4.54 8.06 -16.51
N ILE A 31 -5.18 7.95 -15.35
CA ILE A 31 -6.60 8.18 -15.26
C ILE A 31 -6.93 9.66 -15.43
N ASN A 32 -6.02 10.53 -15.03
CA ASN A 32 -6.25 11.97 -15.16
C ASN A 32 -5.97 12.44 -16.59
N SER A 33 -5.16 11.67 -17.31
CA SER A 33 -4.81 12.01 -18.68
C SER A 33 -5.99 11.69 -19.59
N ASP A 34 -6.54 10.49 -19.45
CA ASP A 34 -7.67 10.05 -20.25
C ASP A 34 -8.89 10.93 -20.03
N PHE A 35 -9.34 11.03 -18.78
CA PHE A 35 -10.51 11.85 -18.48
C PHE A 35 -10.34 13.25 -19.06
N ASN A 36 -9.17 13.84 -18.85
CA ASN A 36 -8.91 15.18 -19.36
C ASN A 36 -9.14 15.22 -20.87
N ALA A 37 -8.77 14.13 -21.54
CA ALA A 37 -8.93 14.03 -22.97
C ALA A 37 -10.41 13.99 -23.33
N ILE A 38 -11.20 13.30 -22.49
CA ILE A 38 -12.64 13.19 -22.72
C ILE A 38 -13.39 14.47 -22.38
N TYR A 39 -13.09 15.06 -21.22
CA TYR A 39 -13.78 16.28 -20.82
C TYR A 39 -13.45 17.46 -21.72
N ASN A 40 -12.25 17.49 -22.29
CA ASN A 40 -11.88 18.61 -23.16
C ASN A 40 -12.41 18.45 -24.58
N ALA A 41 -12.88 17.24 -24.89
CA ALA A 41 -13.44 16.98 -26.20
C ALA A 41 -14.93 17.29 -26.16
N PHE A 42 -15.51 17.18 -24.95
CA PHE A 42 -16.93 17.44 -24.76
C PHE A 42 -17.21 18.55 -23.75
N GLY A 43 -16.22 19.38 -23.48
CA GLY A 43 -16.40 20.46 -22.51
C GLY A 43 -15.58 21.68 -22.83
N ASP A 44 -15.87 22.79 -22.16
CA ASP A 44 -15.15 24.03 -22.39
C ASP A 44 -13.69 23.91 -21.97
N GLN A 45 -12.79 24.01 -22.93
CA GLN A 45 -11.36 23.90 -22.66
C GLN A 45 -10.79 25.11 -21.92
N ARG A 46 -11.45 26.25 -22.07
CA ARG A 46 -11.00 27.49 -21.42
C ARG A 46 -10.90 27.35 -19.90
N LYS A 47 -11.63 26.39 -19.34
CA LYS A 47 -11.63 26.18 -17.89
C LYS A 47 -10.36 25.51 -17.36
N MET A 48 -9.55 24.96 -18.25
CA MET A 48 -8.32 24.31 -17.84
C MET A 48 -7.38 25.29 -17.14
N ALA A 49 -7.64 26.58 -17.30
CA ALA A 49 -6.80 27.60 -16.67
C ALA A 49 -7.08 27.76 -15.18
N VAL A 50 -8.09 27.06 -14.68
CA VAL A 50 -8.44 27.15 -13.27
C VAL A 50 -7.88 25.95 -12.50
N ALA A 51 -8.73 25.22 -11.80
CA ALA A 51 -8.29 24.05 -11.04
C ALA A 51 -8.16 22.87 -11.98
N ASN A 52 -7.57 23.11 -13.15
CA ASN A 52 -7.39 22.07 -14.15
C ASN A 52 -8.75 21.53 -14.61
N GLY A 53 -9.72 22.43 -14.75
CA GLY A 53 -11.05 22.02 -15.18
C GLY A 53 -11.89 21.40 -14.09
N THR A 54 -11.59 21.70 -12.83
CA THR A 54 -12.34 21.16 -11.71
C THR A 54 -13.00 22.28 -10.92
N GLY A 55 -13.66 21.92 -9.82
CA GLY A 55 -14.31 22.93 -9.00
C GLY A 55 -15.80 23.02 -9.30
N ALA A 56 -16.46 24.02 -8.72
CA ALA A 56 -17.89 24.20 -8.94
C ALA A 56 -18.17 24.55 -10.39
N ASP A 57 -17.43 25.52 -10.92
CA ASP A 57 -17.61 25.93 -12.30
C ASP A 57 -16.61 25.17 -13.17
N GLY A 58 -16.39 23.90 -12.81
CA GLY A 58 -15.45 23.09 -13.57
C GLY A 58 -16.00 22.60 -14.89
N GLN A 59 -15.29 21.67 -15.52
CA GLN A 59 -15.71 21.11 -16.80
C GLN A 59 -16.76 20.02 -16.64
N ILE A 60 -17.68 19.94 -17.59
CA ILE A 60 -18.72 18.93 -17.58
C ILE A 60 -18.84 18.32 -18.97
N ILE A 61 -19.43 17.14 -19.06
CA ILE A 61 -19.61 16.46 -20.34
C ILE A 61 -20.92 16.89 -21.01
N HIS A 62 -20.81 17.61 -22.12
CA HIS A 62 -21.99 18.08 -22.85
C HIS A 62 -22.48 16.98 -23.79
N ALA A 63 -23.71 16.51 -23.56
CA ALA A 63 -24.28 15.47 -24.39
C ALA A 63 -24.37 15.97 -25.83
N THR A 64 -24.60 17.27 -25.96
CA THR A 64 -24.72 17.90 -27.27
C THR A 64 -23.33 18.07 -27.87
N GLY A 65 -22.31 17.76 -27.08
CA GLY A 65 -20.95 17.93 -27.56
C GLY A 65 -20.60 19.38 -27.32
N TYR A 66 -19.39 19.79 -27.68
CA TYR A 66 -18.98 21.16 -27.46
C TYR A 66 -18.09 21.67 -28.58
N TYR A 67 -18.11 22.98 -28.79
CA TYR A 67 -17.31 23.63 -29.84
C TYR A 67 -16.37 24.63 -29.17
N GLN A 68 -15.08 24.28 -29.09
CA GLN A 68 -14.08 25.12 -28.45
C GLN A 68 -13.92 26.53 -29.01
N LYS A 69 -13.67 27.47 -28.12
CA LYS A 69 -13.46 28.87 -28.48
C LYS A 69 -11.98 29.20 -28.27
N HIS A 70 -11.21 29.22 -29.35
CA HIS A 70 -9.78 29.50 -29.26
C HIS A 70 -9.41 30.91 -29.70
N SER A 71 -8.14 31.26 -29.51
CA SER A 71 -7.65 32.60 -29.87
C SER A 71 -6.86 32.57 -31.17
N ILE A 72 -6.66 33.75 -31.74
CA ILE A 72 -5.92 33.91 -32.98
C ILE A 72 -4.56 33.22 -32.91
N THR A 73 -3.80 33.55 -31.87
CA THR A 73 -2.48 32.96 -31.70
C THR A 73 -2.53 31.45 -31.68
N GLU A 74 -3.52 30.87 -31.00
CA GLU A 74 -3.64 29.41 -30.93
C GLU A 74 -3.87 28.81 -32.31
N TYR A 75 -4.62 29.51 -33.16
CA TYR A 75 -4.89 29.02 -34.50
C TYR A 75 -3.71 29.27 -35.43
N ALA A 76 -2.59 29.74 -34.86
CA ALA A 76 -1.40 30.00 -35.66
C ALA A 76 -0.76 28.68 -36.08
N THR A 77 -1.08 27.62 -35.34
CA THR A 77 -0.57 26.29 -35.64
C THR A 77 -1.71 25.34 -36.03
N PRO A 78 -1.47 24.49 -37.04
CA PRO A 78 -2.45 23.52 -37.54
C PRO A 78 -3.25 22.84 -36.44
N VAL A 79 -4.56 22.71 -36.66
CA VAL A 79 -5.44 22.08 -35.70
C VAL A 79 -5.51 20.58 -35.92
N LYS A 80 -5.76 19.83 -34.84
CA LYS A 80 -5.85 18.37 -34.89
C LYS A 80 -7.19 17.90 -35.43
N VAL A 81 -7.19 16.77 -36.14
CA VAL A 81 -8.42 16.24 -36.69
C VAL A 81 -9.35 15.80 -35.56
N GLY A 82 -10.65 15.92 -35.78
CA GLY A 82 -11.62 15.54 -34.76
C GLY A 82 -12.04 16.67 -33.83
N THR A 83 -11.42 17.84 -33.98
CA THR A 83 -11.77 18.97 -33.11
C THR A 83 -12.97 19.80 -33.59
N ARG A 84 -13.54 20.56 -32.66
CA ARG A 84 -14.70 21.40 -32.96
C ARG A 84 -14.41 22.84 -32.58
N HIS A 85 -14.82 23.77 -33.43
CA HIS A 85 -14.55 25.18 -33.19
C HIS A 85 -15.74 26.11 -33.32
N ASP A 86 -15.85 27.04 -32.37
CA ASP A 86 -16.90 28.05 -32.38
C ASP A 86 -16.09 29.30 -32.73
N ILE A 87 -16.18 29.70 -34.00
CA ILE A 87 -15.43 30.84 -34.50
C ILE A 87 -15.93 32.22 -34.09
N ASP A 88 -14.99 33.13 -33.89
CA ASP A 88 -15.29 34.51 -33.52
C ASP A 88 -14.44 35.42 -34.39
N THR A 89 -15.08 36.08 -35.34
CA THR A 89 -14.39 37.00 -36.24
C THR A 89 -14.91 38.42 -36.06
N SER A 90 -15.43 38.73 -34.89
CA SER A 90 -15.97 40.06 -34.65
C SER A 90 -14.94 41.18 -34.81
N THR A 91 -13.72 40.94 -34.35
CA THR A 91 -12.66 41.94 -34.44
C THR A 91 -11.88 41.85 -35.75
N VAL A 92 -11.80 40.64 -36.30
CA VAL A 92 -11.08 40.43 -37.55
C VAL A 92 -11.30 39.00 -38.03
N GLY A 93 -11.12 38.76 -39.32
CA GLY A 93 -11.30 37.43 -39.84
C GLY A 93 -10.27 36.51 -39.21
N VAL A 94 -10.60 35.22 -39.11
CA VAL A 94 -9.67 34.28 -38.52
C VAL A 94 -9.36 33.14 -39.49
N LYS A 95 -8.09 32.76 -39.54
CA LYS A 95 -7.62 31.71 -40.42
C LYS A 95 -7.33 30.45 -39.62
N VAL A 96 -7.97 29.35 -39.99
CA VAL A 96 -7.77 28.09 -39.31
C VAL A 96 -7.17 27.07 -40.28
N ILE A 97 -6.16 26.36 -39.82
CA ILE A 97 -5.47 25.37 -40.65
C ILE A 97 -5.67 23.99 -40.03
N ILE A 98 -5.98 23.01 -40.87
CA ILE A 98 -6.21 21.64 -40.40
C ILE A 98 -5.07 20.73 -40.83
N GLU A 99 -4.54 19.96 -39.89
CA GLU A 99 -3.44 19.04 -40.18
C GLU A 99 -3.88 18.01 -41.22
N ARG A 100 -2.92 17.45 -41.93
CA ARG A 100 -3.22 16.44 -42.95
C ARG A 100 -4.08 15.35 -42.34
N GLY A 101 -5.15 14.97 -43.03
CA GLY A 101 -6.00 13.94 -42.49
C GLY A 101 -5.94 12.62 -43.23
N GLU A 102 -6.76 11.68 -42.75
CA GLU A 102 -6.87 10.36 -43.33
C GLU A 102 -8.35 10.17 -43.58
N LEU A 103 -8.68 9.28 -44.50
CA LEU A 103 -10.07 9.01 -44.84
C LEU A 103 -11.00 9.01 -43.63
N GLY A 104 -12.03 9.86 -43.68
CA GLY A 104 -12.99 9.91 -42.59
C GLY A 104 -12.73 10.96 -41.52
N ASP A 105 -11.49 11.42 -41.40
CA ASP A 105 -11.18 12.44 -40.40
C ASP A 105 -12.15 13.61 -40.55
N CYS A 106 -12.51 14.23 -39.43
CA CYS A 106 -13.46 15.31 -39.45
C CYS A 106 -13.20 16.47 -38.49
N VAL A 107 -13.51 17.68 -38.94
CA VAL A 107 -13.36 18.91 -38.16
C VAL A 107 -14.63 19.73 -38.41
N GLU A 108 -15.27 20.20 -37.33
CA GLU A 108 -16.51 20.97 -37.49
C GLU A 108 -16.43 22.37 -36.87
N PHE A 109 -17.09 23.32 -37.54
CA PHE A 109 -17.12 24.70 -37.07
C PHE A 109 -18.54 25.24 -36.95
N ILE A 110 -18.72 26.18 -36.04
CA ILE A 110 -19.99 26.85 -35.88
C ILE A 110 -19.69 28.32 -35.63
N ASN A 111 -20.72 29.16 -35.66
CA ASN A 111 -20.53 30.59 -35.47
C ASN A 111 -21.68 31.13 -34.63
N SER A 112 -21.62 30.81 -33.34
CA SER A 112 -22.65 31.21 -32.37
C SER A 112 -22.92 32.70 -32.27
N ASN A 113 -21.89 33.54 -32.35
CA ASN A 113 -22.12 34.98 -32.25
C ASN A 113 -22.37 35.62 -33.61
N GLY A 114 -22.46 34.80 -34.65
CA GLY A 114 -22.74 35.30 -35.99
C GLY A 114 -21.82 36.37 -36.53
N SER A 115 -20.57 36.35 -36.10
CA SER A 115 -19.59 37.34 -36.55
C SER A 115 -19.09 37.11 -37.97
N ILE A 116 -19.23 35.90 -38.51
CA ILE A 116 -18.76 35.63 -39.84
C ILE A 116 -19.40 36.52 -40.91
N SER A 117 -18.57 37.14 -41.74
CA SER A 117 -19.04 38.02 -42.80
C SER A 117 -18.00 38.08 -43.91
N VAL A 118 -18.24 38.89 -44.92
CA VAL A 118 -17.29 39.01 -46.02
C VAL A 118 -16.06 39.83 -45.62
N THR A 119 -16.19 40.69 -44.62
CA THR A 119 -15.07 41.50 -44.16
C THR A 119 -14.30 40.76 -43.07
N ASN A 120 -15.02 39.99 -42.27
CA ASN A 120 -14.44 39.20 -41.19
C ASN A 120 -14.77 37.74 -41.44
N PRO A 121 -14.23 37.17 -42.52
CA PRO A 121 -14.50 35.78 -42.88
C PRO A 121 -13.78 34.71 -42.07
N LEU A 122 -14.18 33.47 -42.30
CA LEU A 122 -13.58 32.31 -41.67
C LEU A 122 -12.83 31.67 -42.84
N THR A 123 -11.51 31.70 -42.79
CA THR A 123 -10.70 31.10 -43.86
C THR A 123 -10.21 29.74 -43.36
N ILE A 124 -10.48 28.70 -44.13
CA ILE A 124 -10.05 27.36 -43.77
C ILE A 124 -9.09 26.78 -44.79
N GLN A 125 -7.98 26.26 -44.29
CA GLN A 125 -6.98 25.63 -45.14
C GLN A 125 -6.83 24.21 -44.65
N ALA A 126 -7.21 23.25 -45.50
CA ALA A 126 -7.09 21.84 -45.13
C ALA A 126 -5.82 21.30 -45.76
N ILE A 127 -4.84 20.89 -44.94
CA ILE A 127 -3.57 20.40 -45.45
C ILE A 127 -3.72 19.59 -46.72
N ASP A 128 -3.13 20.15 -47.77
CA ASP A 128 -3.13 19.65 -49.13
C ASP A 128 -4.22 20.39 -49.88
N SER A 129 -5.47 19.96 -49.78
CA SER A 129 -6.53 20.66 -50.49
C SER A 129 -7.97 20.29 -50.17
N ILE A 130 -8.87 21.12 -50.71
CA ILE A 130 -10.31 20.95 -50.56
C ILE A 130 -10.89 20.86 -51.97
N LYS A 131 -11.64 19.81 -52.23
CA LYS A 131 -12.24 19.59 -53.55
C LYS A 131 -13.14 20.76 -53.98
N GLY A 132 -13.09 21.07 -55.27
CA GLY A 132 -13.91 22.14 -55.81
C GLY A 132 -13.49 23.52 -55.35
N VAL A 133 -12.36 23.59 -54.65
CA VAL A 133 -11.85 24.84 -54.14
C VAL A 133 -10.37 24.99 -54.49
N SER A 134 -10.01 26.14 -55.07
CA SER A 134 -8.62 26.39 -55.40
C SER A 134 -8.04 27.24 -54.29
N GLY A 135 -7.29 26.61 -53.39
CA GLY A 135 -6.71 27.32 -52.27
C GLY A 135 -7.51 27.12 -51.00
N ASN A 136 -7.67 28.17 -50.22
CA ASN A 136 -8.42 28.09 -48.97
C ASN A 136 -9.93 28.23 -49.19
N LEU A 137 -10.70 27.67 -48.26
CA LEU A 137 -12.15 27.78 -48.32
C LEU A 137 -12.47 29.07 -47.58
N VAL A 138 -13.17 29.98 -48.23
CA VAL A 138 -13.51 31.24 -47.59
C VAL A 138 -15.00 31.28 -47.25
N VAL A 139 -15.30 31.19 -45.96
CA VAL A 139 -16.66 31.18 -45.46
C VAL A 139 -17.10 32.56 -45.02
N THR A 140 -18.21 33.03 -45.58
CA THR A 140 -18.72 34.35 -45.25
C THR A 140 -20.16 34.34 -44.76
N SER A 141 -20.73 33.15 -44.63
CA SER A 141 -22.11 33.01 -44.18
C SER A 141 -22.22 33.05 -42.66
N PRO A 142 -22.85 34.12 -42.12
CA PRO A 142 -23.00 34.23 -40.67
C PRO A 142 -23.88 33.14 -40.05
N TYR A 143 -23.55 32.76 -38.82
CA TYR A 143 -24.32 31.74 -38.10
C TYR A 143 -24.36 30.43 -38.88
N SER A 144 -23.23 30.04 -39.44
CA SER A 144 -23.19 28.82 -40.22
C SER A 144 -22.53 27.67 -39.48
N LYS A 145 -22.63 26.49 -40.07
CA LYS A 145 -22.02 25.28 -39.55
C LYS A 145 -21.23 24.68 -40.69
N VAL A 146 -19.93 24.54 -40.49
CA VAL A 146 -19.08 24.00 -41.53
C VAL A 146 -18.48 22.68 -41.10
N THR A 147 -18.61 21.69 -41.97
CA THR A 147 -18.10 20.36 -41.70
C THR A 147 -17.09 19.99 -42.78
N LEU A 148 -15.89 19.63 -42.35
CA LEU A 148 -14.86 19.22 -43.30
C LEU A 148 -14.56 17.74 -43.07
N ARG A 149 -14.50 16.98 -44.16
CA ARG A 149 -14.26 15.55 -44.08
C ARG A 149 -13.23 15.13 -45.11
N CYS A 150 -12.30 14.27 -44.71
CA CYS A 150 -11.26 13.77 -45.60
C CYS A 150 -11.87 12.66 -46.44
N ILE A 151 -11.91 12.86 -47.76
CA ILE A 151 -12.48 11.86 -48.65
C ILE A 151 -11.41 11.08 -49.39
N SER A 152 -10.16 11.26 -49.00
CA SER A 152 -9.05 10.57 -49.64
C SER A 152 -7.74 10.89 -48.95
N SER A 153 -6.98 9.86 -48.60
CA SER A 153 -5.70 10.05 -47.93
C SER A 153 -4.56 9.28 -48.59
N ASP A 154 -4.58 7.96 -48.47
CA ASP A 154 -3.52 7.14 -49.04
C ASP A 154 -2.15 7.71 -48.65
N ASN A 155 -1.42 8.21 -49.63
CA ASN A 155 -0.10 8.78 -49.38
C ASN A 155 -0.19 10.29 -49.19
N SER A 156 0.00 11.04 -50.28
CA SER A 156 -0.06 12.51 -50.21
C SER A 156 -1.47 12.96 -50.60
N THR A 157 -2.16 12.10 -51.34
CA THR A 157 -3.50 12.38 -51.82
C THR A 157 -4.47 12.63 -50.67
N SER A 158 -4.20 13.65 -49.84
CA SER A 158 -5.06 13.97 -48.72
C SER A 158 -6.02 15.11 -49.09
N VAL A 159 -7.15 14.74 -49.69
CA VAL A 159 -8.15 15.71 -50.12
C VAL A 159 -9.36 15.74 -49.19
N TRP A 160 -9.95 16.92 -49.04
CA TRP A 160 -11.12 17.11 -48.20
C TRP A 160 -12.26 17.69 -49.02
N ASN A 161 -13.48 17.53 -48.50
CA ASN A 161 -14.67 18.12 -49.13
C ASN A 161 -15.42 18.73 -47.94
N TYR A 162 -16.40 19.57 -48.22
CA TYR A 162 -17.11 20.22 -47.14
C TYR A 162 -18.59 20.46 -47.40
N SER A 163 -19.26 20.83 -46.33
CA SER A 163 -20.67 21.16 -46.37
C SER A 163 -20.79 22.40 -45.50
N ILE A 164 -21.74 23.26 -45.85
CA ILE A 164 -21.97 24.46 -45.07
C ILE A 164 -23.47 24.60 -44.98
N GLU A 165 -23.96 24.84 -43.78
CA GLU A 165 -25.38 24.97 -43.54
C GLU A 165 -25.70 25.95 -42.43
N SER A 166 -26.93 26.41 -42.39
CA SER A 166 -27.35 27.36 -41.38
C SER A 166 -27.58 26.66 -40.05
N MET A 167 -27.12 27.30 -38.98
CA MET A 167 -27.28 26.76 -37.64
C MET A 167 -28.76 26.86 -37.28
N PHE A 168 -29.41 27.93 -37.73
CA PHE A 168 -30.81 28.16 -37.41
C PHE A 168 -31.77 28.18 -38.59
N GLY A 169 -33.06 28.22 -38.27
CA GLY A 169 -34.08 28.25 -39.29
C GLY A 169 -35.06 27.09 -39.23
N GLN A 170 -36.23 27.29 -39.83
CA GLN A 170 -37.25 26.24 -39.88
C GLN A 170 -37.02 25.50 -41.20
N LYS A 171 -36.51 24.29 -41.09
CA LYS A 171 -36.19 23.48 -42.27
C LYS A 171 -37.02 22.22 -42.38
N GLU A 172 -37.84 21.92 -41.38
CA GLU A 172 -38.65 20.69 -41.38
C GLU A 172 -39.60 20.54 -42.55
N SER A 173 -39.94 19.28 -42.82
CA SER A 173 -40.88 18.94 -43.87
C SER A 173 -42.07 18.32 -43.15
N PRO A 174 -43.26 18.93 -43.28
CA PRO A 174 -44.43 18.39 -42.61
C PRO A 174 -45.01 17.12 -43.20
N ALA A 175 -44.48 16.68 -44.33
CA ALA A 175 -45.00 15.45 -44.95
C ALA A 175 -44.16 14.98 -46.11
N GLU A 176 -43.94 13.66 -46.15
CA GLU A 176 -43.15 13.04 -47.20
C GLU A 176 -43.44 11.55 -47.15
N GLY A 177 -43.91 11.02 -48.28
CA GLY A 177 -44.20 9.60 -48.33
C GLY A 177 -44.91 9.23 -49.61
N THR A 178 -45.41 8.01 -49.67
CA THR A 178 -46.13 7.53 -50.85
C THR A 178 -47.46 6.95 -50.42
N TRP A 179 -48.52 7.32 -51.12
CA TRP A 179 -49.85 6.84 -50.80
C TRP A 179 -50.53 6.22 -52.00
N ASN A 180 -51.42 5.27 -51.76
CA ASN A 180 -52.16 4.64 -52.84
C ASN A 180 -53.43 5.43 -53.08
N ILE A 181 -53.81 5.54 -54.34
CA ILE A 181 -55.06 6.22 -54.66
C ILE A 181 -56.09 5.10 -54.57
N SER A 182 -56.90 5.11 -53.52
CA SER A 182 -57.90 4.07 -53.31
C SER A 182 -58.74 3.78 -54.55
N THR A 183 -59.34 2.59 -54.59
CA THR A 183 -60.16 2.16 -55.70
C THR A 183 -61.25 3.17 -56.03
N SER A 184 -61.69 3.92 -55.01
CA SER A 184 -62.72 4.94 -55.21
C SER A 184 -62.20 6.01 -56.17
N GLY A 185 -60.89 6.00 -56.40
CA GLY A 185 -60.29 6.96 -57.30
C GLY A 185 -59.92 8.29 -56.67
N SER A 186 -59.78 8.31 -55.35
CA SER A 186 -59.42 9.53 -54.66
C SER A 186 -58.75 9.25 -53.33
N VAL A 187 -57.81 10.10 -52.94
CA VAL A 187 -57.13 9.93 -51.67
C VAL A 187 -56.84 11.28 -51.02
N ASP A 188 -57.05 11.35 -49.72
CA ASP A 188 -56.79 12.58 -48.97
C ASP A 188 -55.50 12.40 -48.22
N ILE A 189 -54.61 13.39 -48.32
CA ILE A 189 -53.34 13.32 -47.63
C ILE A 189 -53.18 14.57 -46.75
N PRO A 190 -53.33 14.41 -45.43
CA PRO A 190 -53.18 15.60 -44.58
C PRO A 190 -51.73 16.06 -44.53
N LEU A 191 -51.50 17.34 -44.79
CA LEU A 191 -50.14 17.87 -44.82
C LEU A 191 -49.71 18.45 -43.47
N PHE A 192 -50.52 19.35 -42.93
CA PHE A 192 -50.20 19.96 -41.64
C PHE A 192 -51.40 20.73 -41.08
N HIS A 193 -51.37 21.01 -39.78
CA HIS A 193 -52.47 21.75 -39.17
C HIS A 193 -52.53 23.13 -39.81
N ARG A 194 -53.74 23.66 -39.94
CA ARG A 194 -53.94 24.96 -40.57
C ARG A 194 -53.14 26.11 -39.94
N THR A 195 -52.73 25.98 -38.69
CA THR A 195 -51.99 27.04 -38.02
C THR A 195 -50.46 26.95 -38.11
N GLU A 196 -49.95 25.84 -38.66
CA GLU A 196 -48.50 25.64 -38.72
C GLU A 196 -47.72 26.44 -39.76
N TYR A 197 -48.30 26.68 -40.93
CA TYR A 197 -47.62 27.41 -42.00
C TYR A 197 -48.60 28.24 -42.82
N ASN A 198 -48.11 29.33 -43.41
CA ASN A 198 -48.92 30.18 -44.26
C ASN A 198 -48.85 29.71 -45.70
N MET A 199 -47.70 29.15 -46.07
CA MET A 199 -47.52 28.65 -47.42
C MET A 199 -46.60 27.45 -47.41
N ALA A 200 -46.78 26.57 -48.38
CA ALA A 200 -45.94 25.40 -48.48
C ALA A 200 -45.68 25.13 -49.94
N LYS A 201 -44.64 24.35 -50.20
CA LYS A 201 -44.28 23.98 -51.56
C LYS A 201 -44.16 22.48 -51.53
N LEU A 202 -44.76 21.83 -52.51
CA LEU A 202 -44.66 20.39 -52.55
C LEU A 202 -44.43 19.82 -53.95
N LEU A 203 -43.97 18.58 -53.97
CA LEU A 203 -43.72 17.87 -55.20
C LEU A 203 -44.66 16.68 -55.17
N VAL A 204 -45.35 16.46 -56.27
CA VAL A 204 -46.29 15.35 -56.37
C VAL A 204 -46.02 14.58 -57.66
N THR A 205 -45.81 13.27 -57.50
CA THR A 205 -45.54 12.39 -58.63
C THR A 205 -46.44 11.16 -58.53
N CYS A 206 -47.33 11.02 -59.51
CA CYS A 206 -48.27 9.91 -59.57
C CYS A 206 -47.86 8.96 -60.68
N GLN A 207 -47.84 7.67 -60.37
CA GLN A 207 -47.42 6.66 -61.32
C GLN A 207 -48.27 5.39 -61.20
N SER A 208 -48.62 4.81 -62.33
CA SER A 208 -49.42 3.58 -62.35
C SER A 208 -48.55 2.41 -61.94
N VAL A 209 -49.15 1.40 -61.33
CA VAL A 209 -48.42 0.22 -60.87
C VAL A 209 -47.57 -0.41 -61.97
N ASP A 210 -47.97 -0.18 -63.22
CA ASP A 210 -47.25 -0.72 -64.36
C ASP A 210 -46.17 0.23 -64.87
N GLY A 211 -46.36 1.53 -64.65
CA GLY A 211 -45.36 2.49 -65.08
C GLY A 211 -45.56 3.15 -66.43
N ARG A 212 -46.71 2.93 -67.05
CA ARG A 212 -46.98 3.51 -68.36
C ARG A 212 -47.59 4.90 -68.23
N LYS A 213 -48.23 5.16 -67.09
CA LYS A 213 -48.84 6.47 -66.86
C LYS A 213 -48.13 7.14 -65.68
N ILE A 214 -47.65 8.36 -65.90
CA ILE A 214 -46.98 9.08 -64.83
C ILE A 214 -47.06 10.58 -65.02
N LYS A 215 -47.28 11.27 -63.90
CA LYS A 215 -47.36 12.73 -63.89
C LYS A 215 -46.66 13.29 -62.65
N THR A 216 -45.99 14.43 -62.81
CA THR A 216 -45.34 15.10 -61.70
C THR A 216 -45.70 16.56 -61.84
N ALA A 217 -45.78 17.24 -60.71
CA ALA A 217 -46.11 18.65 -60.71
C ALA A 217 -45.55 19.24 -59.45
N GLU A 218 -45.30 20.55 -59.50
CA GLU A 218 -44.80 21.29 -58.35
C GLU A 218 -45.95 22.24 -58.01
N ILE A 219 -46.32 22.28 -56.74
CA ILE A 219 -47.42 23.14 -56.30
C ILE A 219 -47.11 23.99 -55.07
N ASN A 220 -47.39 25.28 -55.18
CA ASN A 220 -47.23 26.21 -54.07
C ASN A 220 -48.65 26.46 -53.53
N ILE A 221 -48.83 26.39 -52.22
CA ILE A 221 -50.16 26.61 -51.66
C ILE A 221 -50.17 27.69 -50.60
N LEU A 222 -51.26 28.46 -50.56
CA LEU A 222 -51.38 29.53 -49.58
C LEU A 222 -52.56 29.23 -48.67
N VAL A 223 -52.32 29.27 -47.36
CA VAL A 223 -53.38 28.99 -46.41
C VAL A 223 -54.19 30.24 -46.10
N ASP A 224 -55.47 30.20 -46.44
CA ASP A 224 -56.38 31.30 -46.18
C ASP A 224 -57.14 30.90 -44.91
N THR A 225 -56.56 31.24 -43.75
CA THR A 225 -57.20 30.88 -42.49
C THR A 225 -58.57 31.53 -42.29
N VAL A 226 -58.70 32.78 -42.74
CA VAL A 226 -59.94 33.51 -42.59
C VAL A 226 -61.14 32.85 -43.27
N ASN A 227 -60.96 32.36 -44.49
CA ASN A 227 -62.03 31.72 -45.23
C ASN A 227 -61.93 30.19 -45.14
N SER A 228 -61.00 29.71 -44.32
CA SER A 228 -60.78 28.28 -44.15
C SER A 228 -60.57 27.56 -45.49
N GLU A 229 -59.76 28.16 -46.35
CA GLU A 229 -59.48 27.58 -47.67
C GLU A 229 -57.97 27.58 -47.95
N VAL A 230 -57.60 27.06 -49.11
CA VAL A 230 -56.20 27.02 -49.51
C VAL A 230 -56.09 27.27 -51.00
N ILE A 231 -55.37 28.34 -51.37
CA ILE A 231 -55.15 28.66 -52.78
C ILE A 231 -53.94 27.86 -53.23
N SER A 232 -53.93 27.43 -54.48
CA SER A 232 -52.80 26.66 -54.99
C SER A 232 -52.37 27.09 -56.37
N SER A 233 -51.10 26.88 -56.67
CA SER A 233 -50.55 27.22 -57.96
C SER A 233 -49.69 26.04 -58.42
N GLU A 234 -50.26 25.25 -59.32
CA GLU A 234 -49.62 24.06 -59.88
C GLU A 234 -48.92 24.40 -61.20
N TYR A 235 -47.65 24.05 -61.31
CA TYR A 235 -46.90 24.34 -62.53
C TYR A 235 -45.83 23.28 -62.84
N ALA A 236 -45.09 23.48 -63.92
CA ALA A 236 -44.04 22.54 -64.33
C ALA A 236 -44.62 21.12 -64.40
N VAL A 237 -45.84 21.02 -64.88
CA VAL A 237 -46.51 19.75 -65.01
C VAL A 237 -45.88 18.94 -66.14
N MET A 238 -45.60 17.66 -65.89
CA MET A 238 -45.04 16.77 -66.91
C MET A 238 -45.75 15.41 -66.87
N ARG A 239 -46.18 14.92 -68.04
CA ARG A 239 -46.89 13.65 -68.17
C ARG A 239 -46.24 12.75 -69.24
N VAL A 240 -46.38 11.43 -69.10
CA VAL A 240 -45.81 10.51 -70.07
C VAL A 240 -46.82 9.66 -70.86
N GLY A 241 -47.52 8.75 -70.19
CA GLY A 241 -48.47 7.91 -70.89
C GLY A 241 -49.88 8.49 -70.90
N ASN A 242 -49.96 9.78 -71.21
CA ASN A 242 -51.23 10.49 -71.26
C ASN A 242 -51.97 10.27 -72.57
N GLU A 243 -53.04 9.49 -72.53
CA GLU A 243 -53.83 9.20 -73.72
C GLU A 243 -54.36 10.43 -74.45
N THR A 244 -54.38 11.58 -73.80
CA THR A 244 -54.86 12.81 -74.42
C THR A 244 -54.19 14.04 -73.80
N GLU A 245 -54.09 15.12 -74.57
CA GLU A 245 -53.47 16.34 -74.08
C GLU A 245 -54.45 17.19 -73.28
N GLU A 246 -55.55 16.59 -72.84
CA GLU A 246 -56.58 17.27 -72.06
C GLU A 246 -56.36 16.89 -70.59
N ASP A 247 -57.35 17.14 -69.74
CA ASP A 247 -57.26 16.78 -68.31
C ASP A 247 -56.61 15.39 -68.30
N GLU A 248 -55.61 15.15 -67.45
CA GLU A 248 -54.99 13.83 -67.53
C GLU A 248 -54.12 13.26 -66.41
N ILE A 249 -54.23 11.95 -66.28
CA ILE A 249 -53.51 11.11 -65.33
C ILE A 249 -53.85 11.29 -63.87
N ALA A 250 -53.85 12.53 -63.38
CA ALA A 250 -54.18 12.74 -61.98
C ALA A 250 -54.40 14.20 -61.65
N ASN A 251 -55.41 14.44 -60.81
CA ASN A 251 -55.72 15.79 -60.41
C ASN A 251 -55.37 15.99 -58.95
N ILE A 252 -54.88 17.19 -58.65
CA ILE A 252 -54.47 17.53 -57.29
C ILE A 252 -55.20 18.77 -56.81
N ALA A 253 -55.94 18.63 -55.73
CA ALA A 253 -56.70 19.75 -55.16
C ALA A 253 -56.32 19.93 -53.70
N PHE A 254 -56.64 21.09 -53.16
CA PHE A 254 -56.31 21.40 -51.78
C PHE A 254 -57.48 22.02 -51.05
N SER A 255 -57.50 21.86 -49.74
CA SER A 255 -58.56 22.44 -48.90
C SER A 255 -58.20 22.15 -47.46
N ILE A 256 -59.04 22.61 -46.54
CA ILE A 256 -58.83 22.33 -45.15
C ILE A 256 -59.90 21.32 -44.73
N LYS A 257 -59.46 20.21 -44.17
CA LYS A 257 -60.35 19.15 -43.72
C LYS A 257 -59.92 18.79 -42.31
N GLU A 258 -60.87 18.83 -41.37
CA GLU A 258 -60.59 18.52 -39.97
C GLU A 258 -59.49 19.44 -39.46
N ASN A 259 -59.50 20.67 -39.95
CA ASN A 259 -58.52 21.69 -39.57
C ASN A 259 -57.09 21.42 -40.04
N TYR A 260 -56.94 20.52 -41.00
CA TYR A 260 -55.61 20.23 -41.55
C TYR A 260 -55.54 20.57 -43.03
N VAL A 261 -54.53 21.34 -43.42
CA VAL A 261 -54.36 21.66 -44.83
C VAL A 261 -54.21 20.26 -45.42
N THR A 262 -55.01 19.96 -46.44
CA THR A 262 -55.02 18.62 -47.02
C THR A 262 -54.93 18.58 -48.54
N ALA A 263 -54.24 17.57 -49.05
CA ALA A 263 -54.11 17.39 -50.49
C ALA A 263 -55.01 16.24 -50.89
N THR A 264 -55.85 16.47 -51.90
CA THR A 264 -56.74 15.43 -52.39
C THR A 264 -56.27 15.02 -53.79
N ILE A 265 -55.82 13.78 -53.92
CA ILE A 265 -55.32 13.25 -55.17
C ILE A 265 -56.32 12.26 -55.77
N SER A 266 -56.76 12.54 -57.00
CA SER A 266 -57.71 11.66 -57.67
C SER A 266 -57.23 11.33 -59.07
N SER A 267 -57.68 10.20 -59.59
CA SER A 267 -57.30 9.75 -60.93
C SER A 267 -58.27 8.73 -61.51
N SER A 268 -58.48 8.78 -62.82
CA SER A 268 -59.37 7.86 -63.51
C SER A 268 -58.67 6.51 -63.66
N THR A 269 -57.36 6.57 -63.88
CA THR A 269 -56.54 5.38 -64.04
C THR A 269 -56.51 4.55 -62.76
N VAL A 270 -56.98 3.31 -62.86
CA VAL A 270 -57.01 2.41 -61.72
C VAL A 270 -55.61 1.92 -61.36
N GLY A 271 -55.34 1.80 -60.07
CA GLY A 271 -54.05 1.33 -59.61
C GLY A 271 -52.95 2.39 -59.65
N MET A 272 -53.26 3.58 -59.17
CA MET A 272 -52.30 4.69 -59.17
C MET A 272 -51.70 4.93 -57.79
N ARG A 273 -50.40 5.23 -57.78
CA ARG A 273 -49.67 5.55 -56.55
C ARG A 273 -49.33 7.04 -56.62
N ALA A 274 -49.23 7.69 -55.46
CA ALA A 274 -48.93 9.12 -55.44
C ALA A 274 -47.93 9.50 -54.36
N ALA A 275 -46.76 9.95 -54.79
CA ALA A 275 -45.72 10.39 -53.87
C ALA A 275 -45.93 11.89 -53.65
N VAL A 276 -45.96 12.30 -52.40
CA VAL A 276 -46.15 13.70 -52.04
C VAL A 276 -45.01 14.03 -51.09
N LYS A 277 -44.43 15.19 -51.29
CA LYS A 277 -43.30 15.62 -50.48
C LYS A 277 -43.33 17.15 -50.36
N VAL A 278 -43.32 17.67 -49.13
CA VAL A 278 -43.31 19.11 -48.93
C VAL A 278 -41.84 19.51 -48.84
N ILE A 279 -41.36 20.32 -49.77
CA ILE A 279 -39.96 20.70 -49.76
C ILE A 279 -39.63 22.09 -49.24
N ALA A 280 -40.65 22.87 -48.92
CA ALA A 280 -40.43 24.19 -48.37
C ALA A 280 -41.68 24.74 -47.68
N THR A 281 -41.48 25.60 -46.69
CA THR A 281 -42.59 26.22 -45.98
C THR A 281 -42.18 27.60 -45.53
N GLN A 282 -43.18 28.43 -45.26
CA GLN A 282 -42.94 29.77 -44.76
C GLN A 282 -44.02 30.07 -43.74
N LYS A 283 -43.57 30.54 -42.57
CA LYS A 283 -44.47 30.88 -41.49
C LYS A 283 -44.17 32.29 -41.01
N ILE A 284 -45.18 33.15 -41.07
CA ILE A 284 -45.02 34.53 -40.63
C ILE A 284 -44.80 34.52 -39.13
N GLY A 285 -43.67 35.09 -38.71
CA GLY A 285 -43.39 35.13 -37.29
C GLY A 285 -43.55 36.53 -36.75
N VAL A 286 -42.78 36.86 -35.72
CA VAL A 286 -42.83 38.19 -35.12
C VAL A 286 -41.68 38.99 -35.71
N ALA A 287 -41.96 40.21 -36.16
CA ALA A 287 -40.91 41.04 -36.74
C ALA A 287 -39.77 41.23 -35.75
N GLN A 288 -38.55 41.21 -36.28
CA GLN A 288 -37.34 41.36 -35.46
C GLN A 288 -37.20 40.20 -34.49
N MET B 1 31.78 -1.60 19.68
CA MET B 1 30.67 -2.39 20.32
C MET B 1 29.34 -1.92 19.75
N PHE B 2 28.28 -2.64 20.09
CA PHE B 2 26.93 -2.32 19.65
C PHE B 2 26.17 -1.73 20.83
N ILE B 3 25.80 -0.46 20.73
CA ILE B 3 25.04 0.16 21.81
C ILE B 3 23.61 0.27 21.35
N GLN B 4 22.78 -0.63 21.84
CA GLN B 4 21.37 -0.67 21.47
C GLN B 4 20.64 0.62 21.79
N GLU B 5 19.50 0.78 21.14
CA GLU B 5 18.64 1.93 21.37
C GLU B 5 17.46 1.34 22.11
N PRO B 6 16.87 2.11 23.03
CA PRO B 6 15.71 1.63 23.80
C PRO B 6 14.61 1.06 22.92
N LYS B 7 13.67 0.37 23.55
CA LYS B 7 12.54 -0.26 22.87
C LYS B 7 11.70 0.69 22.02
N LYS B 8 11.37 0.25 20.81
CA LYS B 8 10.54 1.02 19.91
C LYS B 8 9.30 0.19 19.61
N LEU B 9 8.12 0.81 19.60
CA LEU B 9 6.90 0.09 19.31
C LEU B 9 6.20 0.68 18.07
N ILE B 10 5.45 -0.15 17.37
CA ILE B 10 4.74 0.28 16.17
C ILE B 10 3.51 1.12 16.52
N ASP B 11 3.48 2.35 16.01
CA ASP B 11 2.36 3.25 16.29
C ASP B 11 1.12 2.90 15.47
N THR B 12 0.39 1.87 15.90
CA THR B 12 -0.83 1.48 15.19
C THR B 12 -1.82 2.63 15.25
N GLY B 13 -1.53 3.62 16.09
CA GLY B 13 -2.41 4.77 16.23
C GLY B 13 -2.53 5.54 14.92
N GLU B 14 -1.77 5.11 13.92
CA GLU B 14 -1.80 5.75 12.61
C GLU B 14 -2.35 4.76 11.60
N ILE B 15 -1.63 4.57 10.50
CA ILE B 15 -2.03 3.64 9.45
C ILE B 15 -3.14 4.21 8.56
N GLY B 16 -4.36 4.30 8.97
CA GLY B 16 -5.41 4.74 8.01
C GLY B 16 -5.37 6.25 7.94
N ASN B 17 -4.18 6.73 8.44
CA ASN B 17 -3.79 8.13 8.45
C ASN B 17 -2.39 8.39 7.78
N ALA B 18 -1.56 7.37 7.35
CA ALA B 18 -0.23 7.56 6.69
C ALA B 18 0.08 6.34 5.78
N SER B 19 0.07 6.57 4.48
CA SER B 19 0.24 5.49 3.51
C SER B 19 1.55 4.68 3.45
N THR B 20 1.15 3.52 3.70
CA THR B 20 1.88 2.28 3.60
C THR B 20 3.35 2.58 3.57
N GLY B 21 3.86 3.01 2.43
CA GLY B 21 5.28 3.36 2.33
C GLY B 21 5.85 3.94 3.61
N ASP B 22 5.23 5.00 4.13
CA ASP B 22 5.69 5.66 5.34
C ASP B 22 5.62 4.77 6.59
N ILE B 23 4.52 4.03 6.73
CA ILE B 23 4.33 3.15 7.88
C ILE B 23 5.21 1.91 7.83
N LEU B 24 5.35 1.32 6.66
CA LEU B 24 6.16 0.13 6.53
C LEU B 24 7.63 0.44 6.75
N PHE B 25 8.07 1.60 6.26
CA PHE B 25 9.46 2.00 6.42
C PHE B 25 9.77 2.30 7.89
N ASP B 26 8.90 3.10 8.52
CA ASP B 26 9.08 3.46 9.93
C ASP B 26 8.90 2.24 10.82
N GLY B 27 7.97 1.36 10.45
CA GLY B 27 7.75 0.17 11.24
C GLY B 27 8.94 -0.77 11.17
N GLY B 28 9.31 -1.16 9.95
CA GLY B 28 10.43 -2.06 9.75
C GLY B 28 11.69 -1.63 10.48
N ASN B 29 12.02 -0.35 10.38
CA ASN B 29 13.21 0.15 11.06
C ASN B 29 13.12 -0.08 12.56
N LYS B 30 11.94 0.16 13.13
CA LYS B 30 11.74 -0.04 14.56
C LYS B 30 11.89 -1.51 14.91
N ILE B 31 11.29 -2.36 14.08
CA ILE B 31 11.37 -3.79 14.30
C ILE B 31 12.82 -4.24 14.28
N ASN B 32 13.56 -3.77 13.28
CA ASN B 32 14.97 -4.13 13.14
C ASN B 32 15.77 -3.66 14.34
N SER B 33 15.49 -2.45 14.82
CA SER B 33 16.20 -1.90 15.95
C SER B 33 16.01 -2.80 17.18
N ASP B 34 14.78 -3.20 17.41
CA ASP B 34 14.46 -4.06 18.54
C ASP B 34 15.12 -5.42 18.45
N PHE B 35 15.00 -6.08 17.30
CA PHE B 35 15.61 -7.39 17.14
C PHE B 35 17.14 -7.34 17.25
N ASN B 36 17.73 -6.24 16.77
CA ASN B 36 19.18 -6.09 16.86
C ASN B 36 19.56 -5.96 18.32
N ALA B 37 18.68 -5.29 19.08
CA ALA B 37 18.90 -5.09 20.50
C ALA B 37 18.90 -6.43 21.22
N ILE B 38 17.89 -7.25 20.93
CA ILE B 38 17.73 -8.56 21.54
C ILE B 38 18.86 -9.49 21.10
N TYR B 39 19.01 -9.67 19.79
CA TYR B 39 20.06 -10.55 19.29
C TYR B 39 21.45 -10.19 19.78
N ASN B 40 21.73 -8.89 19.92
CA ASN B 40 23.07 -8.51 20.37
C ASN B 40 23.26 -8.67 21.87
N ALA B 41 22.16 -8.88 22.58
CA ALA B 41 22.23 -9.08 24.02
C ALA B 41 22.41 -10.57 24.30
N PHE B 42 21.95 -11.41 23.37
CA PHE B 42 22.05 -12.85 23.54
C PHE B 42 22.85 -13.53 22.43
N GLY B 43 23.57 -12.74 21.64
CA GLY B 43 24.34 -13.32 20.55
C GLY B 43 25.67 -12.62 20.31
N ASP B 44 26.50 -13.22 19.47
CA ASP B 44 27.81 -12.66 19.18
C ASP B 44 27.67 -11.34 18.44
N GLN B 45 28.20 -10.27 19.02
CA GLN B 45 28.12 -8.96 18.39
C GLN B 45 29.16 -8.77 17.27
N ARG B 46 30.21 -9.57 17.28
CA ARG B 46 31.25 -9.46 16.25
C ARG B 46 30.69 -9.76 14.85
N LYS B 47 29.54 -10.42 14.80
CA LYS B 47 28.90 -10.76 13.53
C LYS B 47 28.18 -9.61 12.85
N MET B 48 27.96 -8.51 13.58
CA MET B 48 27.28 -7.35 13.01
C MET B 48 28.04 -6.79 11.81
N ALA B 49 29.35 -7.03 11.78
CA ALA B 49 30.20 -6.54 10.70
C ALA B 49 29.98 -7.31 9.40
N VAL B 50 29.09 -8.29 9.45
CA VAL B 50 28.79 -9.11 8.29
C VAL B 50 27.29 -9.17 8.05
N ALA B 51 26.83 -8.56 6.95
CA ALA B 51 25.42 -8.55 6.61
C ALA B 51 24.55 -8.17 7.80
N ASN B 52 25.08 -7.34 8.68
CA ASN B 52 24.34 -6.90 9.86
C ASN B 52 23.87 -8.09 10.69
N GLY B 53 24.75 -9.06 10.88
CA GLY B 53 24.42 -10.23 11.67
C GLY B 53 23.44 -11.21 11.05
N THR B 54 23.30 -11.18 9.73
CA THR B 54 22.40 -12.11 9.06
C THR B 54 23.18 -13.11 8.23
N GLY B 55 22.47 -14.02 7.56
CA GLY B 55 23.14 -15.02 6.75
C GLY B 55 23.16 -16.37 7.42
N ALA B 56 23.76 -17.36 6.76
CA ALA B 56 23.84 -18.71 7.29
C ALA B 56 24.68 -18.81 8.56
N ASP B 57 25.61 -17.87 8.73
CA ASP B 57 26.47 -17.86 9.91
C ASP B 57 26.16 -16.60 10.73
N GLY B 58 24.95 -16.07 10.53
CA GLY B 58 24.53 -14.89 11.25
C GLY B 58 24.21 -15.15 12.71
N GLN B 59 23.87 -14.09 13.44
CA GLN B 59 23.55 -14.17 14.86
C GLN B 59 22.38 -15.09 15.24
N ILE B 60 22.47 -15.69 16.42
CA ILE B 60 21.43 -16.58 16.92
C ILE B 60 21.20 -16.28 18.41
N ILE B 61 20.02 -16.60 18.91
CA ILE B 61 19.69 -16.38 20.31
C ILE B 61 20.16 -17.53 21.18
N HIS B 62 21.16 -17.28 22.03
CA HIS B 62 21.68 -18.31 22.91
C HIS B 62 20.84 -18.38 24.18
N ALA B 63 20.24 -19.54 24.43
CA ALA B 63 19.42 -19.72 25.60
C ALA B 63 20.27 -19.54 26.86
N THR B 64 21.56 -19.86 26.72
CA THR B 64 22.51 -19.76 27.81
C THR B 64 23.00 -18.31 27.93
N GLY B 65 22.56 -17.45 27.01
CA GLY B 65 23.02 -16.09 27.06
C GLY B 65 24.37 -16.04 26.38
N TYR B 66 24.97 -14.87 26.27
CA TYR B 66 26.25 -14.74 25.61
C TYR B 66 27.13 -13.68 26.26
N TYR B 67 28.44 -13.93 26.26
CA TYR B 67 29.40 -12.99 26.83
C TYR B 67 30.25 -12.43 25.69
N GLN B 68 30.14 -11.13 25.45
CA GLN B 68 30.85 -10.48 24.35
C GLN B 68 32.38 -10.37 24.44
N LYS B 69 33.03 -10.51 23.30
CA LYS B 69 34.48 -10.36 23.19
C LYS B 69 34.69 -8.98 22.57
N HIS B 70 35.17 -8.02 23.36
CA HIS B 70 35.42 -6.67 22.89
C HIS B 70 36.93 -6.41 22.88
N SER B 71 37.38 -5.40 22.13
CA SER B 71 38.80 -5.07 22.06
C SER B 71 39.19 -4.02 23.10
N ILE B 72 40.49 -3.86 23.30
CA ILE B 72 41.02 -2.90 24.27
C ILE B 72 40.52 -1.48 24.00
N THR B 73 40.60 -1.07 22.75
CA THR B 73 40.17 0.28 22.38
C THR B 73 38.68 0.49 22.65
N GLU B 74 37.91 -0.59 22.58
CA GLU B 74 36.47 -0.49 22.82
C GLU B 74 36.18 -0.29 24.31
N TYR B 75 37.07 -0.78 25.16
CA TYR B 75 36.90 -0.62 26.60
C TYR B 75 37.41 0.73 27.09
N ALA B 76 37.85 1.58 26.15
CA ALA B 76 38.35 2.91 26.52
C ALA B 76 37.19 3.75 27.06
N THR B 77 35.96 3.40 26.67
CA THR B 77 34.78 4.11 27.14
C THR B 77 33.89 3.22 28.00
N PRO B 78 33.31 3.79 29.05
CA PRO B 78 32.43 3.10 30.00
C PRO B 78 31.46 2.09 29.37
N VAL B 79 31.36 0.92 30.01
CA VAL B 79 30.46 -0.13 29.54
C VAL B 79 29.06 0.12 30.12
N LYS B 80 28.03 -0.21 29.34
CA LYS B 80 26.65 -0.02 29.76
C LYS B 80 26.23 -1.09 30.77
N VAL B 81 25.24 -0.79 31.61
CA VAL B 81 24.78 -1.78 32.58
C VAL B 81 23.99 -2.85 31.82
N GLY B 82 24.01 -4.07 32.33
CA GLY B 82 23.30 -5.16 31.69
C GLY B 82 24.14 -5.96 30.70
N THR B 83 25.35 -5.49 30.40
CA THR B 83 26.22 -6.19 29.44
C THR B 83 27.03 -7.33 30.03
N ARG B 84 27.47 -8.23 29.16
CA ARG B 84 28.24 -9.38 29.56
C ARG B 84 29.54 -9.40 28.77
N HIS B 85 30.63 -9.72 29.46
CA HIS B 85 31.94 -9.72 28.83
C HIS B 85 32.77 -10.98 29.07
N ASP B 86 33.40 -11.47 28.01
CA ASP B 86 34.29 -12.62 28.09
C ASP B 86 35.64 -11.93 27.91
N ILE B 87 36.38 -11.80 29.00
CA ILE B 87 37.66 -11.10 28.99
C ILE B 87 38.84 -11.89 28.44
N ASP B 88 39.70 -11.19 27.70
CA ASP B 88 40.90 -11.78 27.12
C ASP B 88 42.08 -10.89 27.47
N THR B 89 42.90 -11.35 28.41
CA THR B 89 44.08 -10.60 28.83
C THR B 89 45.34 -11.34 28.38
N SER B 90 45.23 -12.14 27.33
CA SER B 90 46.37 -12.91 26.86
C SER B 90 47.61 -12.09 26.54
N THR B 91 47.46 -10.98 25.82
CA THR B 91 48.61 -10.15 25.48
C THR B 91 48.86 -9.02 26.48
N VAL B 92 47.84 -8.68 27.26
CA VAL B 92 47.97 -7.61 28.26
C VAL B 92 46.73 -7.48 29.12
N GLY B 93 46.91 -7.05 30.37
CA GLY B 93 45.78 -6.89 31.25
C GLY B 93 44.81 -5.89 30.66
N VAL B 94 43.52 -6.05 30.93
CA VAL B 94 42.55 -5.10 30.40
C VAL B 94 41.76 -4.43 31.52
N LYS B 95 41.43 -3.16 31.32
CA LYS B 95 40.66 -2.42 32.29
C LYS B 95 39.28 -2.16 31.73
N VAL B 96 38.26 -2.34 32.56
CA VAL B 96 36.90 -2.09 32.14
C VAL B 96 36.30 -1.10 33.11
N ILE B 97 35.56 -0.15 32.58
CA ILE B 97 34.91 0.85 33.43
C ILE B 97 33.41 0.67 33.24
N ILE B 98 32.67 0.67 34.33
CA ILE B 98 31.24 0.50 34.27
C ILE B 98 30.55 1.82 34.55
N GLU B 99 29.63 2.21 33.68
CA GLU B 99 28.90 3.47 33.84
C GLU B 99 28.17 3.48 35.18
N ARG B 100 27.84 4.67 35.69
CA ARG B 100 27.13 4.78 36.95
C ARG B 100 25.90 3.88 36.89
N GLY B 101 25.60 3.19 37.99
CA GLY B 101 24.45 2.31 37.98
C GLY B 101 23.33 2.73 38.90
N GLU B 102 22.26 1.95 38.89
CA GLU B 102 21.11 2.18 39.74
C GLU B 102 20.81 0.83 40.40
N LEU B 103 20.22 0.89 41.58
CA LEU B 103 19.88 -0.31 42.33
C LEU B 103 19.47 -1.49 41.48
N GLY B 104 20.22 -2.58 41.57
CA GLY B 104 19.91 -3.78 40.81
C GLY B 104 20.65 -3.92 39.49
N ASP B 105 21.19 -2.82 38.96
CA ASP B 105 21.92 -2.90 37.70
C ASP B 105 23.03 -3.93 37.85
N CYS B 106 23.32 -4.64 36.77
CA CYS B 106 24.33 -5.70 36.83
C CYS B 106 25.17 -5.80 35.57
N VAL B 107 26.41 -6.25 35.75
CA VAL B 107 27.35 -6.46 34.66
C VAL B 107 28.11 -7.73 35.04
N GLU B 108 28.23 -8.67 34.12
CA GLU B 108 28.92 -9.93 34.41
C GLU B 108 30.09 -10.21 33.48
N PHE B 109 31.17 -10.75 34.07
CA PHE B 109 32.35 -11.08 33.30
C PHE B 109 32.68 -12.56 33.40
N ILE B 110 33.21 -13.08 32.31
CA ILE B 110 33.63 -14.47 32.20
C ILE B 110 35.07 -14.48 31.64
N ASN B 111 35.79 -15.57 31.83
CA ASN B 111 37.15 -15.67 31.32
C ASN B 111 37.39 -17.04 30.68
N SER B 112 36.74 -17.25 29.54
CA SER B 112 36.81 -18.52 28.82
C SER B 112 38.21 -19.03 28.45
N ASN B 113 39.12 -18.14 28.05
CA ASN B 113 40.45 -18.62 27.68
C ASN B 113 41.45 -18.65 28.83
N GLY B 114 40.97 -18.35 30.02
CA GLY B 114 41.83 -18.40 31.21
C GLY B 114 43.05 -17.51 31.23
N SER B 115 43.00 -16.44 30.46
CA SER B 115 44.11 -15.50 30.40
C SER B 115 44.32 -14.67 31.67
N ILE B 116 43.30 -14.53 32.50
CA ILE B 116 43.45 -13.73 33.72
C ILE B 116 44.51 -14.24 34.68
N SER B 117 45.43 -13.36 35.07
CA SER B 117 46.49 -13.72 36.01
C SER B 117 46.93 -12.46 36.72
N VAL B 118 47.93 -12.58 37.56
CA VAL B 118 48.43 -11.43 38.29
C VAL B 118 49.15 -10.43 37.39
N THR B 119 49.83 -10.93 36.34
CA THR B 119 50.54 -10.02 35.44
C THR B 119 49.63 -9.44 34.38
N ASN B 120 48.58 -10.16 34.00
CA ASN B 120 47.63 -9.69 32.99
C ASN B 120 46.24 -9.78 33.61
N PRO B 121 45.98 -8.94 34.63
CA PRO B 121 44.68 -8.97 35.31
C PRO B 121 43.51 -8.29 34.62
N LEU B 122 42.34 -8.42 35.25
CA LEU B 122 41.12 -7.80 34.78
C LEU B 122 40.88 -6.72 35.83
N THR B 123 41.06 -5.46 35.45
CA THR B 123 40.86 -4.35 36.38
C THR B 123 39.47 -3.76 36.13
N ILE B 124 38.67 -3.67 37.18
CA ILE B 124 37.33 -3.11 37.04
C ILE B 124 37.10 -1.87 37.88
N GLN B 125 36.62 -0.82 37.23
CA GLN B 125 36.30 0.43 37.90
C GLN B 125 34.81 0.64 37.71
N ALA B 126 34.04 0.53 38.78
CA ALA B 126 32.59 0.72 38.70
C ALA B 126 32.31 2.17 39.10
N ILE B 127 31.85 2.99 38.14
CA ILE B 127 31.61 4.40 38.42
C ILE B 127 31.12 4.65 39.82
N ASP B 128 31.97 5.39 40.52
CA ASP B 128 31.84 5.77 41.90
C ASP B 128 32.68 4.74 42.64
N SER B 129 32.08 3.66 43.15
CA SER B 129 32.92 2.70 43.87
C SER B 129 32.38 1.30 44.11
N ILE B 130 33.27 0.44 44.56
CA ILE B 130 32.97 -0.94 44.88
C ILE B 130 33.20 -1.09 46.38
N LYS B 131 32.21 -1.63 47.07
CA LYS B 131 32.28 -1.84 48.52
C LYS B 131 33.39 -2.81 48.92
N GLY B 132 34.10 -2.48 49.99
CA GLY B 132 35.18 -3.34 50.46
C GLY B 132 36.41 -3.29 49.57
N VAL B 133 36.41 -2.35 48.63
CA VAL B 133 37.51 -2.18 47.69
C VAL B 133 37.98 -0.73 47.65
N SER B 134 39.30 -0.53 47.72
CA SER B 134 39.89 0.80 47.65
C SER B 134 40.28 1.05 46.20
N GLY B 135 39.47 1.82 45.49
CA GLY B 135 39.78 2.10 44.10
C GLY B 135 39.21 1.03 43.18
N ASN B 136 40.02 0.55 42.25
CA ASN B 136 39.59 -0.46 41.28
C ASN B 136 39.59 -1.89 41.84
N LEU B 137 38.74 -2.74 41.25
CA LEU B 137 38.71 -4.14 41.65
C LEU B 137 39.70 -4.82 40.71
N VAL B 138 40.71 -5.48 41.26
CA VAL B 138 41.72 -6.16 40.45
C VAL B 138 41.52 -7.68 40.55
N VAL B 139 41.12 -8.28 39.44
CA VAL B 139 40.85 -9.71 39.38
C VAL B 139 42.02 -10.48 38.77
N THR B 140 42.52 -11.46 39.49
CA THR B 140 43.64 -12.24 39.03
C THR B 140 43.37 -13.74 39.00
N SER B 141 42.11 -14.12 39.18
CA SER B 141 41.74 -15.52 39.19
C SER B 141 41.36 -15.99 37.79
N PRO B 142 42.20 -16.84 37.18
CA PRO B 142 41.91 -17.34 35.82
C PRO B 142 40.64 -18.19 35.77
N TYR B 143 40.00 -18.20 34.60
CA TYR B 143 38.77 -18.96 34.39
C TYR B 143 37.78 -18.58 35.49
N SER B 144 37.64 -17.28 35.72
CA SER B 144 36.74 -16.82 36.75
C SER B 144 35.46 -16.23 36.20
N LYS B 145 34.50 -16.06 37.10
CA LYS B 145 33.20 -15.51 36.78
C LYS B 145 32.99 -14.38 37.79
N VAL B 146 32.96 -13.15 37.29
CA VAL B 146 32.77 -12.00 38.16
C VAL B 146 31.44 -11.33 37.91
N THR B 147 30.70 -11.09 38.98
CA THR B 147 29.40 -10.46 38.87
C THR B 147 29.38 -9.18 39.72
N LEU B 148 29.02 -8.07 39.09
CA LEU B 148 28.93 -6.81 39.81
C LEU B 148 27.48 -6.35 39.82
N ARG B 149 27.02 -5.96 41.00
CA ARG B 149 25.64 -5.52 41.16
C ARG B 149 25.60 -4.22 41.95
N CYS B 150 24.73 -3.30 41.54
CA CYS B 150 24.61 -2.02 42.22
C CYS B 150 23.71 -2.19 43.44
N ILE B 151 24.26 -1.94 44.64
CA ILE B 151 23.50 -2.10 45.88
C ILE B 151 23.05 -0.79 46.50
N SER B 152 23.21 0.32 45.80
CA SER B 152 22.81 1.61 46.33
C SER B 152 23.07 2.71 45.32
N SER B 153 22.01 3.44 44.96
CA SER B 153 22.12 4.53 43.99
C SER B 153 21.44 5.81 44.48
N ASP B 154 20.13 5.78 44.63
CA ASP B 154 19.40 6.98 45.06
C ASP B 154 19.80 8.12 44.14
N ASN B 155 20.81 8.87 44.58
CA ASN B 155 21.31 10.01 43.83
C ASN B 155 22.84 9.96 43.74
N SER B 156 23.49 10.91 44.41
CA SER B 156 24.95 11.02 44.40
C SER B 156 25.76 9.84 44.94
N THR B 157 25.10 8.73 45.23
CA THR B 157 25.82 7.56 45.75
C THR B 157 25.58 6.30 44.94
N SER B 158 26.54 5.94 44.09
CA SER B 158 26.43 4.73 43.28
C SER B 158 27.48 3.72 43.74
N VAL B 159 27.06 2.82 44.63
CA VAL B 159 27.94 1.79 45.19
C VAL B 159 27.60 0.40 44.62
N TRP B 160 28.65 -0.37 44.32
CA TRP B 160 28.50 -1.72 43.79
C TRP B 160 29.20 -2.70 44.72
N ASN B 161 28.82 -3.96 44.63
CA ASN B 161 29.47 -5.05 45.37
C ASN B 161 29.65 -6.15 44.35
N TYR B 162 30.53 -7.11 44.63
CA TYR B 162 30.79 -8.14 43.64
C TYR B 162 30.93 -9.54 44.17
N SER B 163 30.89 -10.50 43.26
CA SER B 163 31.10 -11.88 43.60
C SER B 163 32.08 -12.43 42.59
N ILE B 164 32.95 -13.32 43.04
CA ILE B 164 33.91 -13.93 42.15
C ILE B 164 33.82 -15.43 42.37
N GLU B 165 33.64 -16.18 41.28
CA GLU B 165 33.52 -17.63 41.37
C GLU B 165 34.31 -18.30 40.25
N SER B 166 34.59 -19.59 40.43
CA SER B 166 35.29 -20.36 39.42
C SER B 166 34.26 -20.78 38.39
N MET B 167 34.62 -20.70 37.11
CA MET B 167 33.71 -21.09 36.05
C MET B 167 33.56 -22.61 36.10
N PHE B 168 34.64 -23.31 36.43
CA PHE B 168 34.64 -24.77 36.47
C PHE B 168 34.93 -25.41 37.81
N GLY B 169 34.65 -26.71 37.88
CA GLY B 169 34.89 -27.47 39.10
C GLY B 169 33.70 -28.30 39.55
N GLN B 170 33.97 -29.28 40.41
CA GLN B 170 32.90 -30.12 40.95
C GLN B 170 32.53 -29.51 42.30
N LYS B 171 31.43 -28.77 42.33
CA LYS B 171 30.99 -28.07 43.52
C LYS B 171 29.75 -28.70 44.13
N GLU B 172 29.17 -29.66 43.44
CA GLU B 172 27.93 -30.26 43.91
C GLU B 172 28.00 -30.91 45.28
N SER B 173 26.86 -30.91 45.97
CA SER B 173 26.76 -31.54 47.27
C SER B 173 25.87 -32.77 47.09
N PRO B 174 26.38 -33.95 47.47
CA PRO B 174 25.58 -35.16 47.31
C PRO B 174 24.45 -35.38 48.33
N ALA B 175 24.36 -34.52 49.33
CA ALA B 175 23.30 -34.69 50.32
C ALA B 175 23.21 -33.56 51.32
N GLU B 176 21.98 -33.12 51.58
CA GLU B 176 21.74 -32.04 52.51
C GLU B 176 20.27 -32.05 52.92
N GLY B 177 20.03 -32.19 54.21
CA GLY B 177 18.66 -32.20 54.72
C GLY B 177 18.64 -32.54 56.19
N THR B 178 17.45 -32.88 56.68
CA THR B 178 17.26 -33.23 58.07
C THR B 178 16.47 -34.54 58.15
N TRP B 179 16.93 -35.46 59.01
CA TRP B 179 16.27 -36.75 59.16
C TRP B 179 15.93 -37.02 60.62
N ASN B 180 14.85 -37.74 60.85
CA ASN B 180 14.44 -38.10 62.21
C ASN B 180 15.14 -39.38 62.64
N ILE B 181 15.50 -39.46 63.92
CA ILE B 181 16.10 -40.70 64.40
C ILE B 181 14.91 -41.50 64.92
N SER B 182 14.53 -42.53 64.17
CA SER B 182 13.40 -43.38 64.54
C SER B 182 13.46 -43.87 65.98
N THR B 183 12.31 -44.31 66.49
CA THR B 183 12.21 -44.82 67.85
C THR B 183 13.20 -45.95 68.11
N SER B 184 13.63 -46.63 67.04
CA SER B 184 14.58 -47.71 67.17
C SER B 184 15.92 -47.15 67.63
N GLY B 185 16.03 -45.83 67.60
CA GLY B 185 17.26 -45.16 68.03
C GLY B 185 18.40 -45.17 67.05
N SER B 186 18.10 -45.31 65.77
CA SER B 186 19.14 -45.33 64.74
C SER B 186 18.59 -45.00 63.36
N VAL B 187 19.37 -44.32 62.55
CA VAL B 187 18.93 -43.97 61.21
C VAL B 187 20.08 -44.03 60.19
N ASP B 188 19.81 -44.62 59.04
CA ASP B 188 20.82 -44.70 57.98
C ASP B 188 20.48 -43.64 56.95
N ILE B 189 21.49 -42.88 56.54
CA ILE B 189 21.28 -41.82 55.57
C ILE B 189 22.23 -42.05 54.40
N PRO B 190 21.70 -42.50 53.25
CA PRO B 190 22.61 -42.72 52.12
C PRO B 190 23.22 -41.40 51.65
N LEU B 191 24.53 -41.37 51.52
CA LEU B 191 25.18 -40.14 51.09
C LEU B 191 25.40 -40.09 49.58
N PHE B 192 26.04 -41.12 49.04
CA PHE B 192 26.32 -41.19 47.61
C PHE B 192 26.83 -42.58 47.23
N HIS B 193 26.74 -42.90 45.94
CA HIS B 193 27.19 -44.20 45.47
C HIS B 193 28.68 -44.31 45.72
N ARG B 194 29.12 -45.52 46.07
CA ARG B 194 30.52 -45.78 46.36
C ARG B 194 31.52 -45.30 45.31
N THR B 195 31.10 -45.16 44.06
CA THR B 195 32.02 -44.75 43.00
C THR B 195 32.07 -43.25 42.68
N GLU B 196 31.22 -42.45 43.33
CA GLU B 196 31.17 -41.02 43.01
C GLU B 196 32.28 -40.13 43.58
N TYR B 197 32.74 -40.43 44.80
CA TYR B 197 33.79 -39.64 45.44
C TYR B 197 34.72 -40.53 46.27
N ASN B 198 35.96 -40.09 46.44
CA ASN B 198 36.93 -40.85 47.22
C ASN B 198 36.92 -40.29 48.64
N MET B 199 36.59 -39.00 48.75
CA MET B 199 36.57 -38.34 50.03
C MET B 199 35.42 -37.33 50.11
N ALA B 200 34.86 -37.19 51.30
CA ALA B 200 33.78 -36.24 51.51
C ALA B 200 33.90 -35.63 52.90
N LYS B 201 33.35 -34.43 53.05
CA LYS B 201 33.36 -33.69 54.30
C LYS B 201 31.91 -33.37 54.61
N LEU B 202 31.48 -33.65 55.83
CA LEU B 202 30.12 -33.35 56.22
C LEU B 202 30.03 -32.72 57.59
N LEU B 203 28.91 -32.07 57.81
CA LEU B 203 28.63 -31.42 59.09
C LEU B 203 27.40 -32.13 59.58
N VAL B 204 27.39 -32.51 60.85
CA VAL B 204 26.25 -33.20 61.41
C VAL B 204 25.86 -32.50 62.71
N THR B 205 24.58 -32.16 62.81
CA THR B 205 24.06 -31.49 63.99
C THR B 205 22.78 -32.22 64.42
N CYS B 206 22.81 -32.79 65.61
CA CYS B 206 21.68 -33.51 66.18
C CYS B 206 21.11 -32.74 67.37
N GLN B 207 19.79 -32.58 67.38
CA GLN B 207 19.12 -31.86 68.45
C GLN B 207 17.79 -32.50 68.83
N SER B 208 17.50 -32.53 70.13
CA SER B 208 16.25 -33.11 70.62
C SER B 208 15.10 -32.15 70.33
N VAL B 209 13.89 -32.70 70.22
CA VAL B 209 12.70 -31.91 69.93
C VAL B 209 12.54 -30.68 70.82
N ASP B 210 13.16 -30.70 72.00
CA ASP B 210 13.06 -29.59 72.93
C ASP B 210 14.32 -28.76 73.03
N GLY B 211 15.32 -29.13 72.24
CA GLY B 211 16.58 -28.40 72.24
C GLY B 211 17.39 -28.42 73.52
N ARG B 212 17.11 -29.37 74.41
CA ARG B 212 17.87 -29.46 75.65
C ARG B 212 19.16 -30.20 75.35
N LYS B 213 19.10 -31.14 74.42
CA LYS B 213 20.28 -31.92 74.04
C LYS B 213 20.66 -31.66 72.60
N ILE B 214 21.94 -31.42 72.36
CA ILE B 214 22.40 -31.16 71.02
C ILE B 214 23.89 -31.39 70.87
N LYS B 215 24.27 -31.90 69.70
CA LYS B 215 25.66 -32.17 69.40
C LYS B 215 25.94 -31.80 67.94
N THR B 216 27.14 -31.32 67.68
CA THR B 216 27.54 -30.97 66.32
C THR B 216 28.94 -31.53 66.14
N ALA B 217 29.24 -31.96 64.92
CA ALA B 217 30.55 -32.50 64.64
C ALA B 217 30.86 -32.39 63.16
N GLU B 218 32.14 -32.30 62.84
CA GLU B 218 32.58 -32.22 61.45
C GLU B 218 33.26 -33.56 61.18
N ILE B 219 32.98 -34.14 60.02
CA ILE B 219 33.57 -35.44 59.69
C ILE B 219 34.10 -35.57 58.27
N ASN B 220 35.34 -36.01 58.15
CA ASN B 220 35.96 -36.26 56.85
C ASN B 220 35.92 -37.78 56.69
N ILE B 221 35.49 -38.26 55.52
CA ILE B 221 35.43 -39.70 55.33
C ILE B 221 36.17 -40.10 54.07
N LEU B 222 36.82 -41.26 54.14
CA LEU B 222 37.57 -41.78 53.01
C LEU B 222 36.93 -43.08 52.54
N VAL B 223 36.62 -43.15 51.26
CA VAL B 223 36.00 -44.35 50.71
C VAL B 223 37.04 -45.39 50.31
N ASP B 224 37.08 -46.50 51.04
CA ASP B 224 38.01 -47.59 50.74
C ASP B 224 37.20 -48.55 49.87
N THR B 225 37.28 -48.36 48.56
CA THR B 225 36.51 -49.19 47.65
C THR B 225 36.94 -50.67 47.59
N VAL B 226 38.24 -50.92 47.76
CA VAL B 226 38.77 -52.28 47.72
C VAL B 226 38.26 -53.19 48.83
N ASN B 227 38.11 -52.64 50.04
CA ASN B 227 37.63 -53.43 51.18
C ASN B 227 36.17 -53.11 51.46
N SER B 228 35.56 -52.31 50.58
CA SER B 228 34.17 -51.91 50.73
C SER B 228 33.89 -51.34 52.11
N GLU B 229 34.73 -50.39 52.54
CA GLU B 229 34.57 -49.76 53.84
C GLU B 229 34.75 -48.26 53.72
N VAL B 230 34.47 -47.54 54.80
CA VAL B 230 34.63 -46.10 54.81
C VAL B 230 35.29 -45.68 56.12
N ILE B 231 36.47 -45.06 55.99
CA ILE B 231 37.23 -44.59 57.13
C ILE B 231 36.76 -43.18 57.45
N SER B 232 36.65 -42.86 58.73
CA SER B 232 36.19 -41.52 59.11
C SER B 232 37.04 -40.86 60.18
N SER B 233 36.97 -39.54 60.19
CA SER B 233 37.70 -38.75 61.17
C SER B 233 36.79 -37.63 61.66
N GLU B 234 36.18 -37.85 62.83
CA GLU B 234 35.26 -36.91 63.44
C GLU B 234 35.98 -35.95 64.40
N TYR B 235 35.73 -34.65 64.26
CA TYR B 235 36.38 -33.68 65.13
C TYR B 235 35.54 -32.41 65.37
N ALA B 236 36.09 -31.48 66.14
CA ALA B 236 35.39 -30.24 66.47
C ALA B 236 34.01 -30.56 67.07
N VAL B 237 33.97 -31.62 67.86
CA VAL B 237 32.73 -32.03 68.49
C VAL B 237 32.32 -31.04 69.58
N MET B 238 31.05 -30.66 69.59
CA MET B 238 30.53 -29.75 70.60
C MET B 238 29.15 -30.25 71.03
N ARG B 239 28.93 -30.23 72.34
CA ARG B 239 27.68 -30.71 72.93
C ARG B 239 27.17 -29.71 73.97
N VAL B 240 25.87 -29.76 74.26
CA VAL B 240 25.29 -28.87 75.25
C VAL B 240 24.58 -29.57 76.41
N GLY B 241 23.59 -30.41 76.11
CA GLY B 241 22.87 -31.08 77.18
C GLY B 241 23.40 -32.46 77.58
N ASN B 242 24.70 -32.64 77.49
CA ASN B 242 25.31 -33.91 77.85
C ASN B 242 25.29 -34.19 79.35
N GLU B 243 24.58 -35.25 79.73
CA GLU B 243 24.47 -35.65 81.13
C GLU B 243 25.82 -35.97 81.77
N THR B 244 26.72 -36.53 80.97
CA THR B 244 28.05 -36.87 81.45
C THR B 244 29.07 -36.41 80.42
N GLU B 245 30.28 -36.13 80.86
CA GLU B 245 31.33 -35.68 79.93
C GLU B 245 31.83 -36.89 79.15
N GLU B 246 31.02 -37.95 79.17
CA GLU B 246 31.31 -39.20 78.48
C GLU B 246 30.09 -39.54 77.63
N ASP B 247 28.97 -38.89 77.93
CA ASP B 247 27.72 -39.09 77.20
C ASP B 247 27.82 -38.39 75.84
N GLU B 248 27.73 -39.18 74.78
CA GLU B 248 27.85 -38.67 73.41
C GLU B 248 26.66 -37.89 72.85
N ILE B 249 25.46 -38.22 73.33
CA ILE B 249 24.23 -37.58 72.84
C ILE B 249 23.84 -38.22 71.52
N ALA B 250 24.84 -38.44 70.66
CA ALA B 250 24.58 -39.05 69.36
C ALA B 250 25.88 -39.56 68.76
N ASN B 251 25.82 -40.77 68.22
CA ASN B 251 26.99 -41.37 67.60
C ASN B 251 26.79 -41.46 66.09
N ILE B 252 27.84 -41.14 65.36
CA ILE B 252 27.81 -41.17 63.91
C ILE B 252 28.83 -42.19 63.41
N ALA B 253 28.38 -43.11 62.58
CA ALA B 253 29.25 -44.14 62.01
C ALA B 253 29.04 -44.19 60.50
N PHE B 254 30.00 -44.76 59.79
CA PHE B 254 29.94 -44.83 58.34
C PHE B 254 30.25 -46.24 57.83
N SER B 255 29.72 -46.56 56.67
CA SER B 255 29.96 -47.86 56.05
C SER B 255 29.35 -47.83 54.68
N ILE B 256 29.51 -48.92 53.95
CA ILE B 256 28.90 -49.01 52.64
C ILE B 256 27.73 -49.99 52.76
N LYS B 257 26.54 -49.51 52.42
CA LYS B 257 25.35 -50.33 52.48
C LYS B 257 24.68 -50.23 51.12
N GLU B 258 24.39 -51.38 50.52
CA GLU B 258 23.76 -51.41 49.21
C GLU B 258 24.58 -50.61 48.21
N ASN B 259 25.90 -50.62 48.41
CA ASN B 259 26.83 -49.92 47.53
C ASN B 259 26.81 -48.40 47.66
N TYR B 260 26.17 -47.90 48.71
CA TYR B 260 26.12 -46.46 48.93
C TYR B 260 26.86 -46.08 50.21
N VAL B 261 27.79 -45.13 50.11
CA VAL B 261 28.49 -44.68 51.30
C VAL B 261 27.34 -44.19 52.14
N THR B 262 27.27 -44.65 53.38
CA THR B 262 26.14 -44.32 54.25
C THR B 262 26.49 -43.90 55.66
N ALA B 263 25.77 -42.89 56.15
CA ALA B 263 25.97 -42.40 57.50
C ALA B 263 24.93 -43.04 58.41
N THR B 264 25.36 -43.66 59.49
CA THR B 264 24.43 -44.27 60.43
C THR B 264 24.48 -43.45 61.72
N ILE B 265 23.36 -42.83 62.04
CA ILE B 265 23.28 -42.00 63.22
C ILE B 265 22.32 -42.61 64.24
N SER B 266 22.82 -42.79 65.45
CA SER B 266 22.04 -43.38 66.52
C SER B 266 22.14 -42.54 67.80
N SER B 267 21.12 -42.64 68.65
CA SER B 267 21.10 -41.90 69.91
C SER B 267 20.16 -42.50 70.95
N SER B 268 20.54 -42.37 72.23
CA SER B 268 19.73 -42.87 73.34
C SER B 268 18.50 -42.00 73.50
N THR B 269 18.72 -40.70 73.54
CA THR B 269 17.64 -39.73 73.69
C THR B 269 16.56 -39.99 72.64
N VAL B 270 15.30 -39.89 73.06
CA VAL B 270 14.18 -40.12 72.16
C VAL B 270 13.76 -38.83 71.47
N GLY B 271 13.32 -38.94 70.22
CA GLY B 271 12.90 -37.78 69.47
C GLY B 271 14.05 -36.91 68.99
N MET B 272 15.20 -37.52 68.73
CA MET B 272 16.37 -36.80 68.25
C MET B 272 16.31 -36.53 66.77
N ARG B 273 16.67 -35.31 66.38
CA ARG B 273 16.71 -34.91 64.96
C ARG B 273 18.18 -34.83 64.54
N ALA B 274 18.45 -35.00 63.25
CA ALA B 274 19.83 -34.93 62.76
C ALA B 274 19.95 -34.28 61.39
N ALA B 275 20.63 -33.14 61.35
CA ALA B 275 20.88 -32.43 60.10
C ALA B 275 22.20 -32.94 59.55
N VAL B 276 22.19 -33.35 58.29
CA VAL B 276 23.40 -33.85 57.64
C VAL B 276 23.61 -33.07 56.36
N LYS B 277 24.81 -32.54 56.18
CA LYS B 277 25.14 -31.76 54.99
C LYS B 277 26.58 -32.06 54.54
N VAL B 278 26.75 -32.36 53.26
CA VAL B 278 28.07 -32.65 52.69
C VAL B 278 28.55 -31.33 52.10
N ILE B 279 29.58 -30.74 52.70
CA ILE B 279 30.07 -29.45 52.24
C ILE B 279 31.30 -29.46 51.34
N ALA B 280 31.83 -30.65 51.07
CA ALA B 280 32.99 -30.75 50.19
C ALA B 280 33.20 -32.21 49.78
N THR B 281 33.79 -32.42 48.60
CA THR B 281 34.10 -33.76 48.11
C THR B 281 35.33 -33.70 47.24
N GLN B 282 35.96 -34.85 47.05
CA GLN B 282 37.13 -34.97 46.20
C GLN B 282 37.09 -36.32 45.47
N LYS B 283 37.24 -36.24 44.16
CA LYS B 283 37.22 -37.42 43.32
C LYS B 283 38.51 -37.44 42.52
N ILE B 284 39.25 -38.54 42.59
CA ILE B 284 40.49 -38.63 41.84
C ILE B 284 40.12 -38.80 40.38
N GLY B 285 40.50 -37.84 39.56
CA GLY B 285 40.18 -37.92 38.16
C GLY B 285 41.36 -38.46 37.37
N VAL B 286 41.59 -37.88 36.19
CA VAL B 286 42.70 -38.28 35.35
C VAL B 286 43.72 -37.15 35.36
N ALA B 287 44.99 -37.50 35.59
CA ALA B 287 46.04 -36.49 35.61
C ALA B 287 46.02 -35.71 34.30
N GLN B 288 46.09 -34.39 34.40
CA GLN B 288 46.07 -33.52 33.22
C GLN B 288 44.66 -33.51 32.61
N1 EPE C . -54.10 31.28 -58.55
C2 EPE C . -55.17 30.31 -58.55
C3 EPE C . -55.03 29.12 -59.44
N4 EPE C . -53.75 28.64 -59.97
C5 EPE C . -52.83 29.76 -60.22
C6 EPE C . -52.94 31.00 -59.40
C7 EPE C . -53.85 27.61 -61.01
C8 EPE C . -53.10 26.35 -60.81
O8 EPE C . -53.45 25.29 -60.03
C9 EPE C . -54.40 32.70 -58.53
C10 EPE C . -55.25 33.21 -57.42
S EPE C . -55.09 34.88 -56.85
O1S EPE C . -54.71 34.65 -55.41
O2S EPE C . -56.33 35.72 -56.91
O3S EPE C . -53.77 35.56 -57.48
N1 EPE D . 40.88 -42.69 62.27
C2 EPE D . 40.72 -41.25 62.45
C3 EPE D . 39.93 -40.91 63.75
N4 EPE D . 38.65 -41.55 63.96
C5 EPE D . 38.58 -42.91 63.45
C6 EPE D . 39.83 -43.51 62.86
C7 EPE D . 37.53 -40.96 64.66
C8 EPE D . 36.39 -40.45 63.86
O8 EPE D . 35.15 -40.99 63.64
C9 EPE D . 41.61 -43.17 61.11
C10 EPE D . 43.09 -42.93 61.10
S EPE D . 44.02 -43.70 59.74
O1S EPE D . 45.21 -42.87 59.52
O2S EPE D . 43.25 -44.08 58.62
O3S EPE D . 44.71 -45.02 60.42
#